data_1UM5
#
_entry.id   1UM5
#
_cell.length_a   47.128
_cell.length_b   64.706
_cell.length_c   138.510
_cell.angle_alpha   90.00
_cell.angle_beta   90.00
_cell.angle_gamma   90.00
#
_symmetry.space_group_name_H-M   'P 21 21 21'
#
loop_
_entity.id
_entity.type
_entity.pdbx_description
1 polymer 'Antibody 21H3 L chain'
2 polymer 'Antibody 21H3 H chain'
3 non-polymer 1-PHENYLETHANOL
4 water water
#
loop_
_entity_poly.entity_id
_entity_poly.type
_entity_poly.pdbx_seq_one_letter_code
_entity_poly.pdbx_strand_id
1 'polypeptide(L)'
;LDIQMTQSPSSLSASLGERVSLTCRASQEISGYLYWLQQKPDGTIKRLIYAGSTLDSGVPKRFSGSRSGSDYSLTISSLE
SEDFADYYCLQYASYPRTFGGGTKVEIKRTVAAPSVFIFPPSDEQLKSGTASVVCLLNNFYPREAKVQWKVDNALQSGNS
QESVTEQDSKDSTYSLSSTLTLSKADYEKHKVYACEVTHQGLSSPVTKSFNRGECGAGA
;
L
2 'polypeptide(L)'
;VQLQQSGPVLVKPGGSVKMSCKASEYTLTSYLFQWVKQKSGQGLEWIGYIYPYNGGTRYNEKFRGKATLTSDKSSNTAYL
ELSSLTSEDSAVYYCARSSMSDPGANWGPGTLVTVSSASTKGPSVFPLAPSSKSTSGGTAALGCLVKDYFPEPVTVSWNS
GALTSGVHTFPAVLQSSGLYSLSSVVTVPSSSLGTQTYICNVNHKPSNTKVDKKVEP
;
H
#
# COMPACT_ATOMS: atom_id res chain seq x y z
N LEU A 1 1.05 3.53 -34.99
CA LEU A 1 1.22 4.50 -33.86
C LEU A 1 0.76 3.83 -32.58
N ASP A 2 1.36 4.13 -31.40
CA ASP A 2 0.86 3.51 -30.15
C ASP A 2 -0.57 4.03 -29.89
N ILE A 3 -1.43 3.19 -29.32
CA ILE A 3 -2.81 3.59 -29.03
C ILE A 3 -2.88 4.34 -27.69
N GLN A 4 -3.45 5.54 -27.72
CA GLN A 4 -3.56 6.34 -26.50
C GLN A 4 -4.91 6.08 -25.83
N MET A 5 -4.89 5.79 -24.53
CA MET A 5 -6.14 5.58 -23.82
C MET A 5 -6.21 6.79 -22.91
N THR A 6 -7.20 7.66 -23.11
CA THR A 6 -7.31 8.85 -22.30
C THR A 6 -8.44 8.58 -21.28
N GLN A 7 -8.04 8.54 -20.02
CA GLN A 7 -8.98 8.19 -18.96
C GLN A 7 -9.38 9.40 -18.18
N SER A 8 -10.71 9.53 -17.95
CA SER A 8 -11.21 10.63 -17.14
C SER A 8 -12.38 10.24 -16.28
N PRO A 9 -12.51 10.92 -15.13
CA PRO A 9 -11.65 11.99 -14.61
C PRO A 9 -10.42 11.28 -13.98
N SER A 10 -9.39 12.01 -13.61
CA SER A 10 -8.25 11.36 -13.00
C SER A 10 -8.49 11.14 -11.50
N SER A 11 -9.42 11.88 -10.94
CA SER A 11 -9.78 11.72 -9.53
C SER A 11 -11.26 12.04 -9.48
N LEU A 12 -12.02 11.23 -8.75
CA LEU A 12 -13.47 11.35 -8.64
C LEU A 12 -13.82 11.12 -7.17
N SER A 13 -14.47 12.09 -6.55
CA SER A 13 -14.91 12.00 -5.15
C SER A 13 -16.41 11.82 -5.28
N ALA A 14 -16.99 10.88 -4.53
CA ALA A 14 -18.42 10.62 -4.67
C ALA A 14 -19.05 10.13 -3.38
N SER A 15 -20.32 10.51 -3.11
CA SER A 15 -21.02 10.03 -1.94
C SER A 15 -21.37 8.53 -2.01
N LEU A 16 -21.52 7.88 -0.85
CA LEU A 16 -21.91 6.48 -0.85
C LEU A 16 -23.26 6.35 -1.51
N GLY A 17 -23.44 5.25 -2.26
CA GLY A 17 -24.70 4.99 -2.93
C GLY A 17 -24.82 5.63 -4.30
N GLU A 18 -23.94 6.59 -4.63
CA GLU A 18 -23.94 7.33 -5.92
C GLU A 18 -23.61 6.45 -7.11
N ARG A 19 -24.25 6.70 -8.25
CA ARG A 19 -23.89 5.92 -9.46
C ARG A 19 -22.74 6.77 -10.04
N VAL A 20 -21.63 6.10 -10.35
CA VAL A 20 -20.47 6.79 -10.88
C VAL A 20 -19.98 6.03 -12.11
N SER A 21 -19.49 6.80 -13.05
CA SER A 21 -18.95 6.25 -14.29
C SER A 21 -17.59 6.81 -14.59
N LEU A 22 -16.70 5.93 -15.08
CA LEU A 22 -15.35 6.35 -15.48
C LEU A 22 -15.27 6.17 -16.99
N THR A 23 -14.55 7.07 -17.67
CA THR A 23 -14.44 7.08 -19.13
C THR A 23 -13.02 6.88 -19.67
N CYS A 24 -12.91 6.15 -20.73
CA CYS A 24 -11.59 5.87 -21.28
C CYS A 24 -11.80 5.97 -22.78
N ARG A 25 -11.10 6.94 -23.40
CA ARG A 25 -11.22 7.19 -24.84
C ARG A 25 -10.05 6.57 -25.58
N ALA A 26 -10.34 5.73 -26.55
CA ALA A 26 -9.29 5.08 -27.31
C ALA A 26 -8.95 5.95 -28.54
N SER A 27 -7.66 6.24 -28.77
CA SER A 27 -7.22 7.11 -29.89
C SER A 27 -7.30 6.46 -31.25
N GLN A 28 -7.57 5.16 -31.29
CA GLN A 28 -7.70 4.40 -32.50
C GLN A 28 -8.71 3.33 -32.17
N GLU A 29 -9.19 2.63 -33.18
CA GLU A 29 -10.17 1.56 -33.04
C GLU A 29 -9.61 0.35 -32.26
N ILE A 30 -10.22 -0.01 -31.13
CA ILE A 30 -9.78 -1.21 -30.43
C ILE A 30 -10.85 -2.31 -30.49
N SER A 31 -11.94 -2.06 -31.24
CA SER A 31 -12.94 -3.09 -31.44
C SER A 31 -13.42 -3.85 -30.21
N GLY A 32 -13.64 -3.12 -29.10
CA GLY A 32 -14.14 -3.76 -27.90
C GLY A 32 -13.08 -4.53 -27.09
N TYR A 33 -11.80 -4.35 -27.41
CA TYR A 33 -10.76 -5.08 -26.68
C TYR A 33 -10.29 -4.15 -25.58
N LEU A 34 -11.20 -3.86 -24.66
CA LEU A 34 -10.90 -2.92 -23.62
C LEU A 34 -11.12 -3.65 -22.30
N TYR A 35 -10.12 -3.51 -21.43
CA TYR A 35 -10.04 -4.19 -20.14
C TYR A 35 -10.01 -3.15 -19.00
N TRP A 36 -10.75 -3.38 -17.92
CA TRP A 36 -10.74 -2.49 -16.75
C TRP A 36 -10.28 -3.32 -15.54
N LEU A 37 -9.36 -2.72 -14.77
CA LEU A 37 -8.86 -3.34 -13.56
C LEU A 37 -9.03 -2.38 -12.38
N GLN A 38 -9.04 -3.01 -11.20
CA GLN A 38 -9.09 -2.26 -9.93
C GLN A 38 -7.77 -2.52 -9.18
N GLN A 39 -7.17 -1.46 -8.65
CA GLN A 39 -5.99 -1.65 -7.78
C GLN A 39 -6.35 -1.09 -6.39
N LYS A 40 -6.27 -1.94 -5.37
CA LYS A 40 -6.56 -1.50 -3.99
C LYS A 40 -5.31 -0.88 -3.36
N PRO A 41 -5.47 -0.11 -2.27
CA PRO A 41 -4.33 0.50 -1.61
C PRO A 41 -3.22 -0.47 -1.24
N ASP A 42 -3.53 -1.73 -0.98
CA ASP A 42 -2.44 -2.63 -0.63
C ASP A 42 -1.66 -3.14 -1.81
N GLY A 43 -2.04 -2.66 -3.00
CA GLY A 43 -1.34 -3.03 -4.21
C GLY A 43 -1.97 -4.13 -5.02
N THR A 44 -2.99 -4.81 -4.48
CA THR A 44 -3.65 -5.92 -5.17
C THR A 44 -4.38 -5.45 -6.39
N ILE A 45 -4.10 -6.09 -7.53
CA ILE A 45 -4.79 -5.74 -8.76
C ILE A 45 -5.69 -6.89 -9.17
N LYS A 46 -6.90 -6.58 -9.64
CA LYS A 46 -7.77 -7.66 -10.12
C LYS A 46 -8.51 -7.17 -11.37
N ARG A 47 -8.82 -8.13 -12.22
CA ARG A 47 -9.60 -7.86 -13.42
C ARG A 47 -11.09 -7.57 -13.08
N LEU A 48 -11.65 -6.52 -13.66
CA LEU A 48 -13.08 -6.19 -13.46
C LEU A 48 -13.87 -6.55 -14.72
N ILE A 49 -13.43 -6.07 -15.87
CA ILE A 49 -14.17 -6.25 -17.11
C ILE A 49 -13.17 -6.54 -18.26
N TYR A 50 -13.58 -7.31 -19.24
CA TYR A 50 -12.74 -7.53 -20.42
C TYR A 50 -13.72 -7.60 -21.58
N ALA A 51 -13.22 -7.37 -22.80
CA ALA A 51 -14.07 -7.34 -23.98
C ALA A 51 -15.14 -6.25 -23.84
N GLY A 52 -14.73 -5.16 -23.16
CA GLY A 52 -15.53 -3.96 -22.95
C GLY A 52 -16.72 -4.06 -22.00
N SER A 53 -17.39 -5.20 -21.97
CA SER A 53 -18.59 -5.39 -21.14
C SER A 53 -18.74 -6.73 -20.41
N THR A 54 -17.79 -7.65 -20.55
CA THR A 54 -17.90 -8.91 -19.87
C THR A 54 -17.33 -8.79 -18.46
N LEU A 55 -18.18 -9.04 -17.47
CA LEU A 55 -17.79 -8.96 -16.07
C LEU A 55 -17.05 -10.20 -15.62
N ASP A 56 -15.89 -9.99 -14.99
CA ASP A 56 -15.17 -11.08 -14.44
C ASP A 56 -16.10 -11.79 -13.42
N SER A 57 -16.01 -13.11 -13.38
CA SER A 57 -16.87 -13.93 -12.51
C SER A 57 -16.80 -13.64 -11.01
N GLY A 58 -15.70 -13.08 -10.51
CA GLY A 58 -15.63 -12.79 -9.10
C GLY A 58 -15.95 -11.36 -8.66
N VAL A 59 -16.46 -10.57 -9.59
CA VAL A 59 -16.77 -9.19 -9.33
C VAL A 59 -18.28 -8.98 -9.12
N PRO A 60 -18.64 -8.11 -8.14
CA PRO A 60 -20.07 -7.86 -7.88
C PRO A 60 -20.78 -7.18 -9.02
N LYS A 61 -22.07 -7.49 -9.12
CA LYS A 61 -22.91 -7.00 -10.19
C LYS A 61 -23.11 -5.53 -10.29
N ARG A 62 -22.71 -4.78 -9.26
CA ARG A 62 -22.83 -3.34 -9.36
C ARG A 62 -21.85 -2.77 -10.42
N PHE A 63 -20.82 -3.54 -10.78
CA PHE A 63 -19.91 -3.10 -11.83
C PHE A 63 -20.41 -3.54 -13.22
N SER A 64 -20.28 -2.64 -14.16
CA SER A 64 -20.58 -2.99 -15.55
C SER A 64 -19.69 -2.14 -16.48
N GLY A 65 -19.61 -2.57 -17.74
CA GLY A 65 -18.80 -1.83 -18.68
C GLY A 65 -19.57 -1.64 -19.98
N SER A 66 -19.36 -0.53 -20.64
CA SER A 66 -20.04 -0.23 -21.88
C SER A 66 -19.19 0.55 -22.92
N ARG A 67 -19.65 0.59 -24.16
CA ARG A 67 -18.90 1.27 -25.21
C ARG A 67 -19.87 2.16 -25.96
N SER A 68 -19.40 3.35 -26.28
CA SER A 68 -20.17 4.28 -27.13
C SER A 68 -19.14 4.87 -28.10
N GLY A 69 -19.07 4.27 -29.28
CA GLY A 69 -18.12 4.73 -30.28
C GLY A 69 -16.68 4.49 -29.81
N SER A 70 -15.90 5.55 -29.67
CA SER A 70 -14.53 5.30 -29.19
C SER A 70 -14.44 5.50 -27.67
N ASP A 71 -15.60 5.71 -27.03
CA ASP A 71 -15.63 5.91 -25.58
C ASP A 71 -16.02 4.65 -24.86
N TYR A 72 -15.26 4.28 -23.84
CA TYR A 72 -15.59 3.08 -23.10
C TYR A 72 -15.83 3.50 -21.66
N SER A 73 -16.81 2.89 -21.01
CA SER A 73 -17.11 3.31 -19.65
C SER A 73 -17.16 2.19 -18.67
N LEU A 74 -16.76 2.45 -17.42
CA LEU A 74 -16.89 1.51 -16.33
C LEU A 74 -17.88 2.21 -15.41
N THR A 75 -18.98 1.55 -15.07
CA THR A 75 -19.92 2.21 -14.15
C THR A 75 -20.18 1.35 -12.92
N ILE A 76 -20.24 2.04 -11.77
CA ILE A 76 -20.60 1.37 -10.51
C ILE A 76 -22.03 1.92 -10.26
N SER A 77 -23.00 1.01 -10.23
CA SER A 77 -24.42 1.44 -10.07
C SER A 77 -24.74 2.21 -8.76
N SER A 78 -24.07 1.85 -7.69
CA SER A 78 -24.26 2.56 -6.40
C SER A 78 -22.99 2.20 -5.62
N LEU A 79 -22.26 3.28 -5.36
CA LEU A 79 -20.95 3.20 -4.74
C LEU A 79 -20.91 2.69 -3.32
N GLU A 80 -20.04 1.72 -3.08
CA GLU A 80 -19.84 1.14 -1.74
C GLU A 80 -18.49 1.54 -1.20
N SER A 81 -18.38 1.56 0.12
CA SER A 81 -17.08 1.94 0.70
C SER A 81 -15.93 1.09 0.19
N GLU A 82 -16.19 -0.20 -0.10
CA GLU A 82 -15.08 -1.04 -0.50
C GLU A 82 -14.63 -0.78 -1.92
N ASP A 83 -15.33 0.13 -2.60
CA ASP A 83 -14.95 0.47 -3.96
C ASP A 83 -13.84 1.52 -4.02
N PHE A 84 -13.42 2.06 -2.86
CA PHE A 84 -12.32 3.02 -2.80
C PHE A 84 -11.09 2.25 -3.37
N ALA A 85 -10.54 2.80 -4.47
CA ALA A 85 -9.43 2.16 -5.19
C ALA A 85 -9.07 3.04 -6.35
N ASP A 86 -8.01 2.64 -7.07
CA ASP A 86 -7.60 3.29 -8.34
C ASP A 86 -8.01 2.32 -9.43
N TYR A 87 -8.67 2.84 -10.46
CA TYR A 87 -9.18 2.06 -11.59
C TYR A 87 -8.46 2.45 -12.85
N TYR A 88 -8.09 1.46 -13.61
CA TYR A 88 -7.43 1.74 -14.88
C TYR A 88 -8.05 1.00 -16.03
N CYS A 89 -8.04 1.63 -17.23
CA CYS A 89 -8.44 0.86 -18.41
C CYS A 89 -7.11 0.49 -19.15
N LEU A 90 -7.24 -0.47 -20.02
CA LEU A 90 -6.11 -0.99 -20.79
C LEU A 90 -6.65 -1.57 -22.10
N GLN A 91 -6.06 -1.18 -23.23
CA GLN A 91 -6.51 -1.78 -24.47
C GLN A 91 -5.62 -2.97 -24.82
N TYR A 92 -6.25 -4.01 -25.36
CA TYR A 92 -5.50 -5.17 -25.80
C TYR A 92 -5.84 -5.55 -27.26
N ALA A 93 -6.08 -4.50 -28.03
CA ALA A 93 -6.32 -4.72 -29.47
C ALA A 93 -5.00 -4.94 -30.19
N SER A 94 -4.00 -4.22 -29.72
CA SER A 94 -2.68 -4.27 -30.32
C SER A 94 -1.55 -4.02 -29.34
N TYR A 95 -0.33 -4.23 -29.83
CA TYR A 95 0.84 -3.95 -29.04
C TYR A 95 1.53 -2.67 -29.50
N PRO A 96 2.16 -1.89 -28.62
CA PRO A 96 2.28 -2.19 -27.18
C PRO A 96 0.96 -2.05 -26.43
N ARG A 97 0.78 -2.87 -25.41
CA ARG A 97 -0.42 -2.68 -24.59
C ARG A 97 -0.31 -1.31 -23.97
N THR A 98 -1.44 -0.59 -23.86
CA THR A 98 -1.35 0.74 -23.28
C THR A 98 -2.47 0.91 -22.28
N PHE A 99 -2.14 1.60 -21.22
CA PHE A 99 -3.08 1.91 -20.11
C PHE A 99 -3.52 3.37 -20.08
N GLY A 100 -4.75 3.56 -19.52
CA GLY A 100 -5.23 4.88 -19.18
C GLY A 100 -4.42 5.31 -17.96
N GLY A 101 -4.45 6.60 -17.63
CA GLY A 101 -3.67 7.17 -16.54
C GLY A 101 -4.24 6.89 -15.17
N GLY A 102 -5.39 6.23 -15.19
CA GLY A 102 -6.14 5.84 -13.99
C GLY A 102 -7.09 6.91 -13.39
N THR A 103 -7.95 6.44 -12.50
CA THR A 103 -8.90 7.31 -11.79
C THR A 103 -8.80 6.92 -10.35
N LYS A 104 -8.50 7.84 -9.47
CA LYS A 104 -8.51 7.53 -8.02
C LYS A 104 -9.94 7.85 -7.56
N VAL A 105 -10.67 6.84 -7.09
CA VAL A 105 -12.08 7.03 -6.64
C VAL A 105 -12.08 7.17 -5.15
N GLU A 106 -12.42 8.38 -4.66
CA GLU A 106 -12.41 8.80 -3.24
C GLU A 106 -13.91 8.81 -2.76
N ILE A 107 -14.12 8.52 -1.48
CA ILE A 107 -15.48 8.42 -0.97
C ILE A 107 -15.78 9.62 -0.08
N LYS A 108 -16.89 10.33 -0.34
CA LYS A 108 -17.27 11.42 0.54
C LYS A 108 -18.15 10.77 1.61
N ARG A 109 -18.00 11.18 2.87
CA ARG A 109 -18.83 10.62 3.95
C ARG A 109 -19.00 11.72 4.96
N THR A 110 -19.68 11.43 6.05
CA THR A 110 -19.88 12.51 7.01
C THR A 110 -18.62 12.79 7.85
N VAL A 111 -18.57 13.97 8.46
CA VAL A 111 -17.46 14.35 9.37
C VAL A 111 -17.38 13.40 10.53
N ALA A 112 -16.14 12.98 10.83
CA ALA A 112 -15.93 12.15 12.01
C ALA A 112 -14.69 12.72 12.71
N ALA A 113 -14.81 13.03 14.02
CA ALA A 113 -13.66 13.52 14.73
C ALA A 113 -12.80 12.34 15.10
N PRO A 114 -11.49 12.56 15.12
CA PRO A 114 -10.57 11.46 15.48
C PRO A 114 -10.61 11.11 16.98
N SER A 115 -10.25 9.87 17.28
CA SER A 115 -9.94 9.50 18.64
C SER A 115 -8.44 9.78 18.63
N VAL A 116 -7.94 10.31 19.73
CA VAL A 116 -6.51 10.66 19.84
C VAL A 116 -5.86 9.86 20.96
N PHE A 117 -4.75 9.26 20.61
CA PHE A 117 -4.03 8.40 21.57
C PHE A 117 -2.55 8.74 21.53
N ILE A 118 -1.90 8.65 22.70
CA ILE A 118 -0.47 8.98 22.72
C ILE A 118 0.28 7.86 23.41
N PHE A 119 1.48 7.60 22.88
CA PHE A 119 2.32 6.55 23.34
C PHE A 119 3.73 7.02 23.66
N PRO A 120 4.14 6.84 24.90
CA PRO A 120 5.54 7.22 25.26
C PRO A 120 6.50 6.18 24.59
N PRO A 121 7.80 6.50 24.53
CA PRO A 121 8.78 5.55 23.96
C PRO A 121 8.82 4.38 24.92
N SER A 122 9.10 3.21 24.35
CA SER A 122 9.31 1.98 25.15
C SER A 122 10.65 2.04 25.90
N ASP A 123 10.75 1.36 27.05
CA ASP A 123 12.03 1.33 27.67
C ASP A 123 13.02 0.56 26.80
N GLU A 124 12.52 -0.44 26.02
CA GLU A 124 13.44 -1.13 25.13
C GLU A 124 14.15 -0.17 24.14
N GLN A 125 13.40 0.77 23.55
CA GLN A 125 14.01 1.67 22.60
C GLN A 125 15.00 2.62 23.31
N LEU A 126 14.62 3.08 24.49
CA LEU A 126 15.48 4.02 25.21
C LEU A 126 16.87 3.43 25.41
N LYS A 127 16.92 2.12 25.67
CA LYS A 127 18.20 1.48 25.87
C LYS A 127 19.11 1.64 24.66
N SER A 128 18.54 1.95 23.50
CA SER A 128 19.32 2.16 22.28
C SER A 128 19.70 3.57 21.88
N GLY A 129 19.39 4.58 22.72
CA GLY A 129 19.80 5.94 22.43
C GLY A 129 18.85 6.97 21.85
N THR A 130 17.72 6.48 21.36
CA THR A 130 16.77 7.40 20.70
C THR A 130 15.40 7.15 21.32
N ALA A 131 14.54 8.14 21.22
CA ALA A 131 13.19 8.02 21.78
C ALA A 131 12.15 8.47 20.74
N SER A 132 11.15 7.62 20.48
CA SER A 132 10.10 8.00 19.56
C SER A 132 8.79 8.09 20.35
N VAL A 133 8.14 9.24 20.28
CA VAL A 133 6.82 9.44 20.93
C VAL A 133 5.83 9.49 19.80
N VAL A 134 4.80 8.66 19.93
CA VAL A 134 3.81 8.52 18.89
C VAL A 134 2.43 9.02 19.23
N CYS A 135 1.85 9.86 18.38
CA CYS A 135 0.49 10.34 18.58
C CYS A 135 -0.32 9.75 17.41
N LEU A 136 -1.46 9.12 17.76
CA LEU A 136 -2.32 8.50 16.76
C LEU A 136 -3.66 9.23 16.72
N LEU A 137 -4.04 9.59 15.49
CA LEU A 137 -5.35 10.19 15.24
C LEU A 137 -6.10 9.07 14.50
N ASN A 138 -7.14 8.51 15.09
CA ASN A 138 -7.79 7.33 14.48
C ASN A 138 -9.20 7.60 13.96
N ASN A 139 -9.41 7.15 12.74
CA ASN A 139 -10.75 7.05 12.15
C ASN A 139 -11.48 8.37 11.98
N PHE A 140 -10.82 9.29 11.30
CA PHE A 140 -11.41 10.62 11.14
C PHE A 140 -11.73 10.92 9.69
N TYR A 141 -12.54 11.97 9.47
CA TYR A 141 -12.92 12.42 8.12
C TYR A 141 -13.40 13.84 8.26
N PRO A 142 -13.02 14.74 7.38
CA PRO A 142 -12.13 14.61 6.22
C PRO A 142 -10.67 14.48 6.60
N ARG A 143 -9.83 14.44 5.58
CA ARG A 143 -8.40 14.19 5.76
C ARG A 143 -7.63 15.35 6.44
N GLU A 144 -8.06 16.58 6.28
CA GLU A 144 -7.30 17.70 6.83
C GLU A 144 -7.28 17.63 8.36
N ALA A 145 -6.06 17.61 8.92
CA ALA A 145 -5.87 17.60 10.37
C ALA A 145 -4.51 18.28 10.63
N LYS A 146 -4.36 18.86 11.81
CA LYS A 146 -3.11 19.51 12.17
C LYS A 146 -2.71 18.90 13.50
N VAL A 147 -1.44 18.56 13.57
CA VAL A 147 -0.89 17.99 14.80
C VAL A 147 0.34 18.80 15.18
N GLN A 148 0.39 19.23 16.42
CA GLN A 148 1.51 19.98 16.95
C GLN A 148 2.02 19.33 18.18
N TRP A 149 3.33 19.39 18.37
CA TRP A 149 3.87 18.84 19.58
C TRP A 149 4.37 19.91 20.50
N LYS A 150 4.14 19.71 21.78
CA LYS A 150 4.75 20.63 22.78
C LYS A 150 5.47 19.79 23.82
N VAL A 151 6.69 20.22 24.18
CA VAL A 151 7.50 19.49 25.18
C VAL A 151 7.68 20.53 26.27
N ASP A 152 7.18 20.23 27.49
CA ASP A 152 7.16 21.23 28.61
C ASP A 152 6.69 22.61 28.11
N ASN A 153 5.57 22.55 27.39
CA ASN A 153 4.88 23.73 26.83
C ASN A 153 5.60 24.48 25.72
N ALA A 154 6.67 23.94 25.15
CA ALA A 154 7.35 24.66 24.08
C ALA A 154 7.05 23.94 22.77
N LEU A 155 6.57 24.69 21.80
CA LEU A 155 6.23 24.10 20.49
C LEU A 155 7.45 23.53 19.82
N GLN A 156 7.33 22.32 19.28
CA GLN A 156 8.45 21.68 18.61
C GLN A 156 8.38 21.94 17.10
N SER A 157 9.54 21.93 16.46
CA SER A 157 9.60 22.10 15.02
C SER A 157 10.75 21.32 14.47
N GLY A 158 10.46 20.65 13.38
CA GLY A 158 11.49 19.91 12.70
C GLY A 158 11.83 18.51 13.07
N ASN A 159 11.27 18.05 14.20
CA ASN A 159 11.59 16.78 14.74
C ASN A 159 10.41 15.79 14.78
N SER A 160 9.44 16.00 13.89
CA SER A 160 8.34 15.09 13.79
C SER A 160 8.01 14.77 12.34
N GLN A 161 7.42 13.59 12.14
CA GLN A 161 6.97 13.23 10.79
C GLN A 161 5.63 12.55 10.90
N GLU A 162 4.81 12.77 9.88
CA GLU A 162 3.46 12.20 9.81
C GLU A 162 3.35 11.18 8.71
N SER A 163 2.40 10.28 8.94
CA SER A 163 2.07 9.27 7.93
C SER A 163 0.56 9.08 8.02
N VAL A 164 -0.13 8.90 6.88
CA VAL A 164 -1.56 8.83 6.87
C VAL A 164 -1.97 7.66 6.03
N THR A 165 -2.96 6.94 6.51
CA THR A 165 -3.43 5.80 5.72
C THR A 165 -4.38 6.25 4.62
N GLU A 166 -4.61 5.38 3.64
CA GLU A 166 -5.61 5.65 2.59
C GLU A 166 -7.00 5.43 3.21
N GLN A 167 -8.04 5.93 2.58
CA GLN A 167 -9.37 5.73 3.12
C GLN A 167 -9.68 4.29 3.42
N ASP A 168 -10.28 4.07 4.58
CA ASP A 168 -10.57 2.75 5.04
C ASP A 168 -11.64 2.09 4.21
N SER A 169 -11.45 0.81 3.90
CA SER A 169 -12.43 0.13 3.04
C SER A 169 -13.80 -0.10 3.64
N LYS A 170 -13.90 -0.10 4.97
CA LYS A 170 -15.19 -0.33 5.64
C LYS A 170 -15.92 0.92 6.07
N ASP A 171 -15.20 1.96 6.51
CA ASP A 171 -15.87 3.14 7.00
C ASP A 171 -15.42 4.43 6.38
N SER A 172 -14.54 4.32 5.36
CA SER A 172 -14.11 5.49 4.60
C SER A 172 -13.41 6.59 5.37
N THR A 173 -12.86 6.26 6.53
CA THR A 173 -12.10 7.24 7.33
C THR A 173 -10.58 7.07 7.06
N TYR A 174 -9.88 8.04 7.59
CA TYR A 174 -8.44 8.06 7.61
C TYR A 174 -7.90 7.90 9.02
N SER A 175 -6.65 7.45 9.12
CA SER A 175 -5.95 7.50 10.41
C SER A 175 -4.57 8.13 10.15
N LEU A 176 -3.98 8.71 11.19
CA LEU A 176 -2.71 9.40 10.97
C LEU A 176 -1.83 9.19 12.23
N SER A 177 -0.55 9.03 11.96
CA SER A 177 0.46 8.93 13.02
C SER A 177 1.39 10.15 12.90
N SER A 178 1.72 10.70 14.05
CA SER A 178 2.72 11.78 14.09
C SER A 178 3.72 11.25 15.08
N THR A 179 4.96 11.08 14.60
CA THR A 179 6.03 10.55 15.43
C THR A 179 7.08 11.62 15.75
N LEU A 180 7.33 11.87 17.03
CA LEU A 180 8.33 12.85 17.51
C LEU A 180 9.59 12.09 17.83
N THR A 181 10.72 12.43 17.20
CA THR A 181 11.96 11.73 17.47
C THR A 181 12.95 12.62 18.19
N LEU A 182 13.42 12.12 19.32
CA LEU A 182 14.36 12.83 20.22
C LEU A 182 15.49 11.95 20.61
N SER A 183 16.64 12.54 21.00
CA SER A 183 17.65 11.69 21.53
C SER A 183 17.18 11.21 22.89
N LYS A 184 17.73 10.15 23.41
CA LYS A 184 17.37 9.73 24.77
C LYS A 184 17.68 10.87 25.77
N ALA A 185 18.83 11.56 25.61
CA ALA A 185 19.14 12.62 26.59
C ALA A 185 18.08 13.71 26.61
N ASP A 186 17.62 14.16 25.44
CA ASP A 186 16.60 15.20 25.32
C ASP A 186 15.30 14.68 25.93
N TYR A 187 14.95 13.43 25.65
CA TYR A 187 13.72 12.88 26.23
C TYR A 187 13.78 12.84 27.77
N GLU A 188 14.92 12.44 28.33
CA GLU A 188 15.01 12.34 29.77
C GLU A 188 15.06 13.69 30.49
N LYS A 189 15.52 14.71 29.78
CA LYS A 189 15.66 16.05 30.35
C LYS A 189 14.33 16.81 30.40
N HIS A 190 13.31 16.35 29.69
CA HIS A 190 12.03 17.04 29.66
C HIS A 190 11.01 16.15 30.28
N LYS A 191 9.85 16.71 30.56
CA LYS A 191 8.84 15.97 31.29
C LYS A 191 7.50 15.81 30.67
N VAL A 192 6.90 16.92 30.22
CA VAL A 192 5.50 16.81 29.70
C VAL A 192 5.49 16.80 28.17
N TYR A 193 4.88 15.74 27.64
CA TYR A 193 4.86 15.52 26.18
C TYR A 193 3.43 15.63 25.77
N ALA A 194 3.13 16.59 24.91
CA ALA A 194 1.75 16.82 24.52
C ALA A 194 1.60 16.85 23.00
N CYS A 195 0.51 16.19 22.54
CA CYS A 195 0.15 16.14 21.15
C CYS A 195 -1.15 16.97 21.10
N GLU A 196 -1.16 17.97 20.23
CA GLU A 196 -2.31 18.87 20.09
C GLU A 196 -2.88 18.72 18.71
N VAL A 197 -4.16 18.36 18.69
CA VAL A 197 -4.87 18.06 17.44
C VAL A 197 -6.00 18.97 17.11
N THR A 198 -5.99 19.46 15.89
CA THR A 198 -7.09 20.28 15.38
C THR A 198 -7.69 19.55 14.16
N HIS A 199 -9.01 19.43 14.18
CA HIS A 199 -9.75 18.78 13.07
C HIS A 199 -11.20 19.32 13.04
N GLN A 200 -11.74 19.43 11.83
CA GLN A 200 -13.10 19.96 11.64
C GLN A 200 -14.15 19.29 12.51
N GLY A 201 -13.87 18.05 12.89
CA GLY A 201 -14.78 17.32 13.71
C GLY A 201 -14.76 17.70 15.19
N LEU A 202 -13.73 18.45 15.59
CA LEU A 202 -13.53 18.86 16.96
C LEU A 202 -13.77 20.39 17.10
N SER A 203 -14.60 20.73 18.09
CA SER A 203 -14.95 22.13 18.44
C SER A 203 -13.71 22.95 18.80
N SER A 204 -12.85 22.36 19.64
CA SER A 204 -11.63 23.05 20.00
C SER A 204 -10.57 21.96 19.94
N PRO A 205 -9.30 22.35 19.90
CA PRO A 205 -8.21 21.37 19.82
C PRO A 205 -8.24 20.41 20.96
N VAL A 206 -7.91 19.16 20.69
CA VAL A 206 -7.85 18.13 21.72
C VAL A 206 -6.36 17.98 22.01
N THR A 207 -6.01 17.90 23.29
CA THR A 207 -4.59 17.69 23.64
C THR A 207 -4.54 16.44 24.46
N LYS A 208 -3.62 15.58 24.07
CA LYS A 208 -3.43 14.34 24.80
C LYS A 208 -1.95 14.48 25.23
N SER A 209 -1.69 14.17 26.48
CA SER A 209 -0.32 14.30 26.98
C SER A 209 0.00 13.29 28.02
N PHE A 210 1.31 13.15 28.28
CA PHE A 210 1.73 12.29 29.40
C PHE A 210 2.93 12.97 30.03
N ASN A 211 3.24 12.56 31.28
CA ASN A 211 4.35 13.09 32.03
C ASN A 211 5.34 11.92 32.09
N ARG A 212 6.54 12.08 31.55
CA ARG A 212 7.53 10.99 31.54
C ARG A 212 7.68 10.36 32.94
N GLY A 213 7.67 11.23 33.93
CA GLY A 213 7.81 10.80 35.32
C GLY A 213 6.78 9.79 35.85
N GLU A 214 5.64 9.60 35.18
CA GLU A 214 4.56 8.71 35.63
C GLU A 214 4.28 7.49 34.77
N CYS A 215 5.02 7.37 33.65
CA CYS A 215 4.82 6.30 32.68
C CYS A 215 3.79 6.75 31.60
N GLY A 216 2.79 5.93 31.38
CA GLY A 216 1.70 6.25 30.49
C GLY A 216 0.54 5.96 31.43
N VAL B 1 -6.29 -19.67 -9.22
CA VAL B 1 -6.33 -18.19 -9.34
C VAL B 1 -5.15 -17.51 -8.68
N GLN B 2 -4.07 -18.26 -8.42
CA GLN B 2 -2.89 -17.62 -7.81
C GLN B 2 -1.53 -17.69 -8.52
N LEU B 3 -1.07 -16.52 -8.97
CA LEU B 3 0.22 -16.41 -9.60
C LEU B 3 1.13 -16.01 -8.44
N GLN B 4 2.29 -16.63 -8.41
CA GLN B 4 3.28 -16.41 -7.39
C GLN B 4 4.42 -15.63 -8.00
N GLN B 5 4.95 -14.69 -7.21
CA GLN B 5 6.08 -13.88 -7.72
C GLN B 5 7.17 -13.85 -6.67
N SER B 6 8.39 -13.75 -7.15
CA SER B 6 9.54 -13.72 -6.22
C SER B 6 9.55 -12.48 -5.30
N GLY B 7 10.31 -12.61 -4.23
CA GLY B 7 10.30 -11.57 -3.18
C GLY B 7 10.97 -10.29 -3.49
N PRO B 8 10.84 -9.34 -2.57
CA PRO B 8 11.46 -8.01 -2.79
C PRO B 8 13.00 -8.15 -2.86
N VAL B 9 13.62 -7.26 -3.61
CA VAL B 9 15.07 -7.34 -3.84
C VAL B 9 15.69 -5.93 -3.85
N LEU B 10 16.85 -5.82 -3.21
CA LEU B 10 17.71 -4.62 -3.22
C LEU B 10 18.86 -4.97 -4.18
N VAL B 11 19.09 -4.08 -5.13
CA VAL B 11 20.17 -4.25 -6.14
C VAL B 11 20.85 -2.93 -6.35
N LYS B 12 22.14 -2.98 -6.71
CA LYS B 12 22.89 -1.73 -6.86
C LYS B 12 22.80 -1.15 -8.25
N PRO B 13 22.90 0.16 -8.34
CA PRO B 13 22.85 0.83 -9.65
C PRO B 13 23.98 0.20 -10.49
N GLY B 14 23.65 -0.03 -11.77
CA GLY B 14 24.56 -0.58 -12.76
C GLY B 14 24.55 -2.08 -12.76
N GLY B 15 23.83 -2.68 -11.82
CA GLY B 15 23.74 -4.13 -11.84
C GLY B 15 22.52 -4.59 -12.57
N SER B 16 22.10 -5.79 -12.24
CA SER B 16 20.95 -6.38 -12.88
C SER B 16 20.12 -7.16 -11.85
N VAL B 17 18.88 -7.43 -12.24
CA VAL B 17 17.93 -8.18 -11.35
C VAL B 17 17.08 -9.12 -12.17
N LYS B 18 16.74 -10.26 -11.61
CA LYS B 18 15.87 -11.23 -12.36
C LYS B 18 14.84 -11.70 -11.35
N MET B 19 13.60 -11.55 -11.74
CA MET B 19 12.44 -11.95 -10.89
C MET B 19 11.61 -13.00 -11.62
N SER B 20 10.80 -13.71 -10.86
CA SER B 20 10.00 -14.80 -11.41
C SER B 20 8.51 -14.70 -11.20
N CYS B 21 7.79 -15.42 -12.04
CA CYS B 21 6.31 -15.51 -11.94
C CYS B 21 5.92 -16.89 -12.29
N LYS B 22 5.07 -17.49 -11.48
CA LYS B 22 4.65 -18.88 -11.82
C LYS B 22 3.26 -19.11 -11.33
N ALA B 23 2.59 -20.02 -12.00
CA ALA B 23 1.24 -20.34 -11.58
C ALA B 23 1.39 -21.26 -10.37
N SER B 24 0.49 -21.15 -9.40
CA SER B 24 0.61 -21.96 -8.18
C SER B 24 0.16 -23.40 -8.38
N GLU B 25 -0.71 -23.61 -9.34
CA GLU B 25 -1.24 -24.91 -9.59
C GLU B 25 -0.59 -25.52 -10.83
N TYR B 26 -0.35 -26.82 -10.77
CA TYR B 26 0.19 -27.61 -11.87
C TYR B 26 -0.90 -27.39 -12.95
N THR B 27 -0.56 -26.94 -14.15
CA THR B 27 -1.63 -26.69 -15.13
C THR B 27 -1.59 -27.38 -16.47
N LEU B 28 -0.51 -27.14 -17.21
CA LEU B 28 -0.35 -27.74 -18.54
C LEU B 28 -1.09 -26.97 -19.66
N THR B 29 -1.96 -26.02 -19.31
CA THR B 29 -2.62 -25.23 -20.34
C THR B 29 -1.58 -24.19 -20.82
N SER B 30 -1.70 -23.75 -22.08
CA SER B 30 -0.79 -22.75 -22.68
C SER B 30 -1.10 -21.31 -22.30
N TYR B 31 -0.32 -20.73 -21.40
CA TYR B 31 -0.59 -19.32 -21.03
C TYR B 31 0.40 -18.32 -21.60
N LEU B 32 -0.04 -17.07 -21.68
CA LEU B 32 0.83 -15.98 -22.13
C LEU B 32 1.09 -15.15 -20.85
N PHE B 33 2.34 -14.75 -20.58
CA PHE B 33 2.62 -13.95 -19.37
C PHE B 33 2.87 -12.54 -19.75
N GLN B 34 2.08 -11.63 -19.22
CA GLN B 34 2.24 -10.18 -19.52
C GLN B 34 2.93 -9.56 -18.32
N TRP B 35 3.82 -8.57 -18.51
CA TRP B 35 4.56 -7.97 -17.36
C TRP B 35 4.31 -6.47 -17.38
N VAL B 36 4.11 -5.89 -16.18
CA VAL B 36 3.71 -4.48 -15.97
C VAL B 36 4.55 -3.87 -14.88
N LYS B 37 4.93 -2.60 -15.08
CA LYS B 37 5.74 -1.83 -14.11
C LYS B 37 4.90 -0.75 -13.44
N GLN B 38 5.08 -0.57 -12.13
CA GLN B 38 4.43 0.52 -11.45
C GLN B 38 5.36 1.19 -10.45
N LYS B 39 5.75 2.44 -10.73
CA LYS B 39 6.59 3.19 -9.77
C LYS B 39 5.74 3.67 -8.62
N SER B 40 6.33 3.79 -7.43
CA SER B 40 5.56 4.21 -6.23
C SER B 40 4.61 5.39 -6.47
N GLY B 41 3.33 5.19 -6.17
CA GLY B 41 2.32 6.23 -6.31
C GLY B 41 2.05 6.71 -7.71
N GLN B 42 2.54 5.97 -8.72
CA GLN B 42 2.35 6.33 -10.13
C GLN B 42 1.45 5.34 -10.86
N GLY B 43 1.35 5.49 -12.19
CA GLY B 43 0.46 4.57 -12.93
C GLY B 43 1.13 3.30 -13.44
N LEU B 44 0.50 2.68 -14.42
CA LEU B 44 0.94 1.37 -14.93
C LEU B 44 1.54 1.47 -16.31
N GLU B 45 2.63 0.72 -16.56
CA GLU B 45 3.29 0.74 -17.83
C GLU B 45 3.57 -0.72 -18.28
N TRP B 46 3.18 -1.07 -19.50
CA TRP B 46 3.40 -2.42 -19.99
C TRP B 46 4.89 -2.62 -20.30
N ILE B 47 5.45 -3.77 -19.92
CA ILE B 47 6.87 -4.04 -20.15
C ILE B 47 7.01 -5.01 -21.34
N GLY B 48 6.25 -6.10 -21.39
CA GLY B 48 6.44 -7.04 -22.50
C GLY B 48 5.71 -8.34 -22.19
N TYR B 49 5.71 -9.30 -23.09
CA TYR B 49 5.18 -10.63 -22.79
C TYR B 49 6.19 -11.70 -23.16
N ILE B 50 5.94 -12.84 -22.57
CA ILE B 50 6.64 -14.08 -22.95
C ILE B 50 5.58 -15.17 -23.09
N TYR B 51 5.63 -15.91 -24.20
CA TYR B 51 4.72 -17.06 -24.45
C TYR B 51 5.59 -18.30 -24.34
N PRO B 52 5.66 -18.97 -23.16
CA PRO B 52 6.53 -20.15 -23.07
C PRO B 52 6.33 -21.26 -24.12
N TYR B 53 5.09 -21.38 -24.62
CA TYR B 53 4.80 -22.44 -25.62
C TYR B 53 5.80 -22.47 -26.75
N ASN B 54 6.09 -21.28 -27.29
CA ASN B 54 7.04 -21.17 -28.40
C ASN B 54 8.17 -20.18 -28.20
N GLY B 55 8.33 -19.66 -26.98
CA GLY B 55 9.41 -18.76 -26.69
C GLY B 55 9.18 -17.33 -27.20
N GLY B 56 7.99 -17.08 -27.75
CA GLY B 56 7.68 -15.77 -28.31
C GLY B 56 7.81 -14.69 -27.26
N THR B 57 8.38 -13.53 -27.65
CA THR B 57 8.51 -12.44 -26.70
C THR B 57 8.28 -11.12 -27.45
N ARG B 58 7.89 -10.08 -26.71
CA ARG B 58 7.75 -8.74 -27.34
C ARG B 58 7.93 -7.77 -26.19
N TYR B 59 8.56 -6.64 -26.48
CA TYR B 59 8.87 -5.62 -25.51
C TYR B 59 8.47 -4.25 -25.88
N ASN B 60 8.09 -3.49 -24.85
CA ASN B 60 7.78 -2.08 -25.04
C ASN B 60 9.14 -1.40 -25.39
N GLU B 61 9.14 -0.66 -26.51
CA GLU B 61 10.37 0.01 -26.93
C GLU B 61 10.89 1.03 -25.90
N LYS B 62 10.00 1.49 -25.00
CA LYS B 62 10.42 2.43 -23.97
C LYS B 62 11.47 1.87 -23.06
N PHE B 63 11.58 0.54 -22.99
CA PHE B 63 12.60 0.00 -22.14
C PHE B 63 13.98 -0.09 -22.78
N ARG B 64 14.09 0.36 -24.03
CA ARG B 64 15.43 0.46 -24.69
C ARG B 64 16.24 -0.84 -24.64
N GLY B 65 15.52 -1.95 -24.67
CA GLY B 65 16.12 -3.27 -24.68
C GLY B 65 16.72 -3.73 -23.37
N LYS B 66 16.46 -2.99 -22.28
CA LYS B 66 16.96 -3.32 -20.97
C LYS B 66 16.25 -4.51 -20.30
N ALA B 67 15.07 -4.85 -20.79
CA ALA B 67 14.33 -5.93 -20.23
C ALA B 67 14.43 -7.18 -21.12
N THR B 68 14.61 -8.36 -20.50
CA THR B 68 14.67 -9.64 -21.22
C THR B 68 13.75 -10.60 -20.49
N LEU B 69 12.89 -11.26 -21.24
CA LEU B 69 11.94 -12.22 -20.68
C LEU B 69 12.33 -13.61 -21.14
N THR B 70 12.30 -14.54 -20.19
CA THR B 70 12.64 -15.95 -20.47
C THR B 70 11.67 -16.83 -19.70
N SER B 71 11.79 -18.14 -19.91
CA SER B 71 10.89 -19.01 -19.21
C SER B 71 11.45 -20.39 -19.09
N ASP B 72 10.88 -21.15 -18.17
CA ASP B 72 11.20 -22.55 -18.02
C ASP B 72 9.79 -23.20 -18.14
N LYS B 73 9.44 -23.64 -19.34
CA LYS B 73 8.12 -24.24 -19.58
C LYS B 73 7.95 -25.51 -18.74
N SER B 74 9.07 -26.09 -18.30
CA SER B 74 9.02 -27.31 -17.49
C SER B 74 8.30 -27.04 -16.15
N SER B 75 8.48 -25.83 -15.60
CA SER B 75 7.86 -25.45 -14.33
C SER B 75 6.77 -24.39 -14.54
N ASN B 76 6.57 -24.02 -15.80
CA ASN B 76 5.59 -22.98 -16.15
C ASN B 76 5.94 -21.69 -15.37
N THR B 77 7.23 -21.36 -15.42
CA THR B 77 7.75 -20.18 -14.73
C THR B 77 8.29 -19.22 -15.76
N ALA B 78 7.93 -17.96 -15.62
CA ALA B 78 8.45 -16.92 -16.52
C ALA B 78 9.35 -16.03 -15.69
N TYR B 79 10.39 -15.43 -16.33
CA TYR B 79 11.37 -14.61 -15.62
C TYR B 79 11.57 -13.31 -16.35
N LEU B 80 11.70 -12.23 -15.57
CA LEU B 80 11.95 -10.92 -16.18
C LEU B 80 13.28 -10.45 -15.63
N GLU B 81 14.22 -10.18 -16.55
CA GLU B 81 15.50 -9.64 -16.12
C GLU B 81 15.64 -8.20 -16.59
N LEU B 82 16.14 -7.34 -15.70
CA LEU B 82 16.37 -5.96 -16.09
C LEU B 82 17.87 -5.68 -15.90
N SER B 83 18.49 -5.05 -16.92
CA SER B 83 19.90 -4.76 -16.88
C SER B 83 20.23 -3.26 -16.71
N SER B 84 21.51 -2.99 -16.45
CA SER B 84 22.00 -1.59 -16.32
C SER B 84 21.11 -0.79 -15.48
N LEU B 85 20.84 -1.29 -14.28
CA LEU B 85 19.85 -0.60 -13.51
C LEU B 85 20.20 0.80 -13.03
N THR B 86 19.16 1.60 -12.91
CA THR B 86 19.29 2.92 -12.28
C THR B 86 18.05 3.08 -11.37
N SER B 87 17.93 4.19 -10.63
CA SER B 87 16.82 4.31 -9.70
C SER B 87 15.49 4.40 -10.41
N GLU B 88 15.47 4.67 -11.72
CA GLU B 88 14.19 4.69 -12.40
C GLU B 88 13.59 3.28 -12.47
N ASP B 89 14.43 2.28 -12.26
CA ASP B 89 13.96 0.90 -12.25
C ASP B 89 13.43 0.51 -10.88
N SER B 90 13.55 1.37 -9.87
CA SER B 90 12.92 1.06 -8.55
C SER B 90 11.42 1.15 -8.77
N ALA B 91 10.72 0.05 -8.55
CA ALA B 91 9.30 -0.04 -8.84
C ALA B 91 8.73 -1.37 -8.39
N VAL B 92 7.42 -1.51 -8.40
CA VAL B 92 6.83 -2.87 -8.21
C VAL B 92 6.59 -3.39 -9.63
N TYR B 93 7.00 -4.63 -9.85
CA TYR B 93 6.80 -5.32 -11.13
C TYR B 93 5.74 -6.38 -10.98
N TYR B 94 4.77 -6.39 -11.88
CA TYR B 94 3.71 -7.36 -11.79
C TYR B 94 3.68 -8.29 -12.98
N CYS B 95 3.23 -9.54 -12.80
CA CYS B 95 2.94 -10.38 -13.96
C CYS B 95 1.45 -10.69 -13.99
N ALA B 96 0.91 -10.95 -15.17
CA ALA B 96 -0.51 -11.36 -15.29
C ALA B 96 -0.51 -12.47 -16.31
N ARG B 97 -1.45 -13.39 -16.17
CA ARG B 97 -1.52 -14.50 -17.12
C ARG B 97 -2.79 -14.37 -18.03
N SER B 98 -2.63 -14.71 -19.32
CA SER B 98 -3.74 -14.72 -20.28
C SER B 98 -3.84 -16.06 -20.96
N SER B 99 -5.08 -16.44 -21.31
CA SER B 99 -5.36 -17.70 -22.04
C SER B 99 -6.24 -17.35 -23.19
N MET B 100 -6.51 -18.37 -23.98
CA MET B 100 -7.38 -18.28 -25.13
C MET B 100 -8.74 -17.76 -24.62
N SER B 101 -9.17 -16.60 -25.10
CA SER B 101 -10.48 -16.14 -24.68
C SER B 101 -10.54 -15.71 -23.21
N ASP B 102 -9.40 -15.56 -22.55
CA ASP B 102 -9.45 -15.19 -21.14
C ASP B 102 -8.27 -14.26 -20.83
N PRO B 103 -8.35 -13.04 -21.30
CA PRO B 103 -7.32 -12.00 -21.14
C PRO B 103 -7.04 -11.52 -19.74
N GLY B 104 -5.75 -11.53 -19.36
CA GLY B 104 -5.38 -11.01 -18.02
C GLY B 104 -6.28 -11.51 -16.92
N ALA B 105 -6.49 -12.82 -16.89
CA ALA B 105 -7.38 -13.38 -15.90
C ALA B 105 -6.90 -13.30 -14.47
N ASN B 106 -5.60 -13.40 -14.27
CA ASN B 106 -5.02 -13.42 -12.94
C ASN B 106 -3.79 -12.58 -12.93
N TRP B 107 -3.60 -11.92 -11.79
CA TRP B 107 -2.44 -11.07 -11.52
C TRP B 107 -1.68 -11.59 -10.33
N GLY B 108 -0.35 -11.46 -10.42
CA GLY B 108 0.50 -11.75 -9.28
C GLY B 108 0.46 -10.56 -8.31
N PRO B 109 1.09 -10.67 -7.14
CA PRO B 109 1.12 -9.64 -6.11
C PRO B 109 2.15 -8.60 -6.27
N GLY B 110 3.03 -8.84 -7.24
CA GLY B 110 4.11 -7.91 -7.52
C GLY B 110 5.37 -8.13 -6.75
N THR B 111 6.46 -7.77 -7.40
CA THR B 111 7.78 -7.86 -6.80
C THR B 111 8.33 -6.44 -6.64
N LEU B 112 8.71 -6.07 -5.43
CA LEU B 112 9.28 -4.74 -5.15
C LEU B 112 10.80 -4.65 -5.30
N VAL B 113 11.27 -3.97 -6.32
CA VAL B 113 12.72 -3.82 -6.57
C VAL B 113 13.17 -2.44 -6.17
N THR B 114 14.19 -2.37 -5.32
CA THR B 114 14.80 -1.12 -4.95
C THR B 114 16.20 -1.07 -5.49
N VAL B 115 16.52 -0.07 -6.33
CA VAL B 115 17.88 0.07 -6.86
C VAL B 115 18.53 1.20 -6.00
N SER B 116 19.54 0.77 -5.27
CA SER B 116 20.25 1.70 -4.36
C SER B 116 21.61 1.20 -4.02
N SER B 117 22.51 2.14 -3.66
CA SER B 117 23.86 1.79 -3.22
C SER B 117 23.97 1.43 -1.74
N ALA B 118 22.90 1.75 -0.99
CA ALA B 118 22.87 1.54 0.43
C ALA B 118 22.70 0.09 0.84
N SER B 119 23.14 -0.27 2.04
CA SER B 119 23.10 -1.64 2.50
C SER B 119 21.77 -1.92 3.17
N THR B 120 21.40 -3.17 3.12
CA THR B 120 20.18 -3.60 3.77
C THR B 120 20.37 -3.45 5.27
N LYS B 121 19.28 -3.11 5.94
CA LYS B 121 19.28 -3.05 7.37
C LYS B 121 17.93 -3.52 7.88
N GLY B 122 17.94 -4.46 8.80
CA GLY B 122 16.70 -4.98 9.38
C GLY B 122 16.15 -4.02 10.44
N PRO B 123 14.83 -4.12 10.67
CA PRO B 123 14.20 -3.23 11.64
C PRO B 123 14.34 -3.64 13.08
N SER B 124 14.20 -2.64 13.95
CA SER B 124 14.05 -2.90 15.38
C SER B 124 12.51 -2.76 15.59
N VAL B 125 11.92 -3.61 16.41
CA VAL B 125 10.47 -3.58 16.64
C VAL B 125 10.22 -3.25 18.11
N PHE B 126 9.50 -2.14 18.34
CA PHE B 126 9.24 -1.68 19.70
C PHE B 126 7.72 -1.65 19.98
N PRO B 127 7.33 -1.98 21.21
CA PRO B 127 5.89 -1.95 21.47
C PRO B 127 5.33 -0.55 21.63
N LEU B 128 4.07 -0.37 21.19
CA LEU B 128 3.27 0.86 21.47
C LEU B 128 2.24 0.30 22.48
N ALA B 129 2.63 0.33 23.77
CA ALA B 129 1.81 -0.33 24.81
C ALA B 129 0.48 0.41 25.11
N PRO B 130 -0.62 -0.36 25.32
CA PRO B 130 -1.91 0.28 25.63
C PRO B 130 -1.83 0.80 27.05
N SER B 131 -2.43 1.97 27.31
CA SER B 131 -2.43 2.53 28.68
C SER B 131 -3.61 3.46 28.78
N SER B 132 -3.77 4.13 29.92
CA SER B 132 -4.88 5.10 30.00
C SER B 132 -4.75 6.20 28.97
N LYS B 133 -3.55 6.41 28.48
CA LYS B 133 -3.28 7.45 27.51
C LYS B 133 -3.61 7.05 26.07
N SER B 134 -4.04 5.77 25.90
CA SER B 134 -4.45 5.27 24.57
C SER B 134 -5.76 4.48 24.74
N THR B 135 -6.55 4.83 25.75
CA THR B 135 -7.82 4.15 25.97
C THR B 135 -8.94 5.19 26.05
N SER B 136 -9.99 4.98 25.27
CA SER B 136 -11.17 5.85 25.23
C SER B 136 -11.90 5.40 26.45
N GLY B 137 -13.13 5.03 26.13
CA GLY B 137 -14.09 4.45 27.00
C GLY B 137 -14.34 3.07 26.42
N GLY B 138 -13.64 2.11 26.95
CA GLY B 138 -13.85 0.75 26.50
C GLY B 138 -12.97 0.24 25.37
N THR B 139 -12.40 1.14 24.61
CA THR B 139 -11.51 0.75 23.48
C THR B 139 -10.07 1.22 23.72
N ALA B 140 -9.12 0.31 23.55
CA ALA B 140 -7.72 0.65 23.76
C ALA B 140 -6.99 0.52 22.45
N ALA B 141 -6.06 1.41 22.22
CA ALA B 141 -5.21 1.32 21.01
C ALA B 141 -3.83 0.82 21.46
N LEU B 142 -3.24 -0.03 20.63
CA LEU B 142 -1.87 -0.55 20.89
C LEU B 142 -1.21 -0.78 19.54
N GLY B 143 0.09 -1.07 19.51
CA GLY B 143 0.69 -1.26 18.20
C GLY B 143 2.15 -1.62 18.32
N CYS B 144 2.84 -1.59 17.17
CA CYS B 144 4.30 -1.85 17.13
C CYS B 144 4.86 -0.82 16.20
N LEU B 145 5.99 -0.27 16.66
CA LEU B 145 6.82 0.69 15.90
C LEU B 145 7.93 -0.14 15.26
N VAL B 146 8.02 -0.14 13.91
CA VAL B 146 9.00 -0.90 13.12
C VAL B 146 9.97 0.11 12.55
N LYS B 147 11.12 0.19 13.25
CA LYS B 147 12.03 1.31 13.01
C LYS B 147 13.34 0.97 12.41
N ASP B 148 13.74 1.86 11.51
CA ASP B 148 15.12 1.81 10.95
C ASP B 148 15.50 0.67 10.11
N TYR B 149 14.77 0.52 9.02
CA TYR B 149 15.09 -0.58 8.08
C TYR B 149 15.29 -0.08 6.66
N PHE B 150 15.90 -0.93 5.84
CA PHE B 150 16.08 -0.55 4.42
C PHE B 150 16.37 -1.80 3.65
N PRO B 151 15.81 -1.96 2.47
CA PRO B 151 14.87 -1.09 1.77
C PRO B 151 13.47 -1.51 2.22
N GLU B 152 12.48 -0.93 1.59
CA GLU B 152 11.10 -1.43 1.77
C GLU B 152 11.08 -2.80 1.11
N PRO B 153 10.13 -3.64 1.45
CA PRO B 153 9.04 -3.50 2.40
C PRO B 153 9.18 -4.32 3.65
N VAL B 154 8.39 -3.91 4.61
CA VAL B 154 8.21 -4.82 5.77
C VAL B 154 6.71 -5.24 5.69
N THR B 155 6.41 -6.38 6.30
CA THR B 155 5.05 -6.79 6.47
C THR B 155 4.74 -6.94 7.93
N VAL B 156 3.50 -6.62 8.31
CA VAL B 156 3.09 -6.75 9.67
C VAL B 156 1.73 -7.43 9.77
N SER B 157 1.68 -8.48 10.58
CA SER B 157 0.38 -9.10 10.88
C SER B 157 0.22 -9.07 12.39
N TRP B 158 -0.97 -9.39 12.88
CA TRP B 158 -1.24 -9.41 14.30
C TRP B 158 -1.82 -10.78 14.68
N ASN B 159 -1.29 -11.32 15.75
CA ASN B 159 -1.71 -12.61 16.23
C ASN B 159 -1.77 -13.65 15.13
N SER B 160 -0.70 -13.69 14.35
CA SER B 160 -0.59 -14.66 13.22
C SER B 160 -1.71 -14.62 12.25
N GLY B 161 -2.28 -13.43 12.09
CA GLY B 161 -3.36 -13.24 11.13
C GLY B 161 -4.73 -13.37 11.68
N ALA B 162 -4.82 -13.69 12.94
CA ALA B 162 -6.16 -13.84 13.56
C ALA B 162 -6.78 -12.51 13.90
N LEU B 163 -5.96 -11.47 14.00
CA LEU B 163 -6.49 -10.16 14.29
C LEU B 163 -6.30 -9.25 13.05
N THR B 164 -7.39 -8.92 12.38
CA THR B 164 -7.32 -8.04 11.21
C THR B 164 -8.20 -6.78 11.32
N SER B 165 -9.24 -6.90 12.10
CA SER B 165 -10.13 -5.74 12.16
C SER B 165 -9.56 -4.61 13.04
N GLY B 166 -9.71 -3.40 12.53
CA GLY B 166 -9.24 -2.24 13.25
C GLY B 166 -7.72 -2.04 13.12
N VAL B 167 -7.09 -2.87 12.34
CA VAL B 167 -5.66 -2.70 12.14
C VAL B 167 -5.33 -1.59 11.15
N HIS B 168 -4.44 -0.69 11.52
CA HIS B 168 -3.97 0.32 10.54
C HIS B 168 -2.46 0.28 10.50
N THR B 169 -1.91 -0.14 9.34
CA THR B 169 -0.45 -0.17 9.20
C THR B 169 -0.07 0.99 8.31
N PHE B 170 0.63 1.94 8.89
CA PHE B 170 0.92 3.16 8.17
C PHE B 170 1.93 3.04 7.09
N PRO B 171 1.83 3.91 6.09
CA PRO B 171 2.83 3.85 5.06
C PRO B 171 4.19 4.19 5.70
N ALA B 172 5.25 3.59 5.14
CA ALA B 172 6.56 3.87 5.67
C ALA B 172 6.95 5.31 5.34
N VAL B 173 7.77 5.90 6.23
CA VAL B 173 8.31 7.24 5.97
C VAL B 173 9.83 7.10 5.99
N LEU B 174 10.45 7.77 5.05
CA LEU B 174 11.91 7.74 4.95
C LEU B 174 12.45 8.79 5.97
N GLN B 175 13.27 8.35 6.89
CA GLN B 175 13.85 9.25 7.89
C GLN B 175 15.12 9.95 7.29
N SER B 176 15.59 11.00 7.96
CA SER B 176 16.75 11.70 7.44
C SER B 176 17.95 10.80 7.41
N SER B 177 17.90 9.76 8.21
CA SER B 177 18.99 8.81 8.19
C SER B 177 19.13 7.94 6.92
N GLY B 178 18.09 8.00 6.07
CA GLY B 178 18.05 7.20 4.85
C GLY B 178 17.42 5.83 5.20
N LEU B 179 16.94 5.69 6.44
CA LEU B 179 16.25 4.44 6.82
C LEU B 179 14.75 4.68 6.93
N TYR B 180 13.96 3.63 6.67
CA TYR B 180 12.49 3.79 6.80
C TYR B 180 11.99 3.44 8.19
N SER B 181 10.80 3.95 8.49
CA SER B 181 10.14 3.57 9.75
C SER B 181 8.62 3.61 9.55
N LEU B 182 7.89 2.72 10.26
CA LEU B 182 6.41 2.85 10.25
C LEU B 182 5.90 2.29 11.54
N SER B 183 4.63 2.54 11.83
CA SER B 183 3.97 1.92 13.00
C SER B 183 2.73 1.18 12.47
N SER B 184 2.42 0.08 13.14
CA SER B 184 1.15 -0.63 12.89
C SER B 184 0.38 -0.57 14.19
N VAL B 185 -0.88 -0.12 14.15
CA VAL B 185 -1.70 0.02 15.37
C VAL B 185 -3.00 -0.76 15.22
N VAL B 186 -3.68 -0.99 16.33
CA VAL B 186 -4.96 -1.72 16.28
C VAL B 186 -5.74 -1.26 17.49
N THR B 187 -7.07 -1.19 17.36
CA THR B 187 -7.87 -0.88 18.53
C THR B 187 -8.55 -2.22 18.90
N VAL B 188 -8.60 -2.46 20.21
CA VAL B 188 -9.18 -3.72 20.77
C VAL B 188 -9.98 -3.34 22.02
N PRO B 189 -10.81 -4.24 22.50
CA PRO B 189 -11.57 -3.89 23.72
C PRO B 189 -10.61 -3.77 24.94
N SER B 190 -10.81 -2.78 25.81
CA SER B 190 -9.98 -2.61 26.99
C SER B 190 -10.10 -3.80 27.94
N SER B 191 -11.29 -4.41 27.95
CA SER B 191 -11.53 -5.53 28.80
C SER B 191 -10.78 -6.77 28.33
N SER B 192 -10.23 -6.76 27.13
CA SER B 192 -9.51 -7.93 26.70
C SER B 192 -8.07 -7.89 27.17
N LEU B 193 -7.62 -6.72 27.64
CA LEU B 193 -6.17 -6.54 27.96
C LEU B 193 -5.52 -7.42 28.99
N GLY B 194 -6.26 -7.86 30.01
CA GLY B 194 -5.62 -8.77 30.94
C GLY B 194 -5.56 -10.22 30.48
N THR B 195 -6.30 -10.57 29.43
CA THR B 195 -6.33 -11.96 29.03
C THR B 195 -5.93 -12.38 27.62
N GLN B 196 -6.21 -11.52 26.65
CA GLN B 196 -5.95 -11.79 25.21
C GLN B 196 -4.57 -11.23 24.97
N THR B 197 -3.66 -12.05 24.43
CA THR B 197 -2.34 -11.53 24.13
C THR B 197 -2.34 -10.86 22.74
N TYR B 198 -1.45 -9.88 22.56
CA TYR B 198 -1.36 -9.20 21.27
C TYR B 198 0.11 -9.21 20.87
N ILE B 199 0.34 -9.82 19.71
CA ILE B 199 1.70 -10.00 19.20
C ILE B 199 1.73 -9.51 17.76
N CYS B 200 2.70 -8.62 17.46
CA CYS B 200 2.81 -8.19 16.07
C CYS B 200 3.86 -9.06 15.41
N ASN B 201 3.56 -9.56 14.23
CA ASN B 201 4.49 -10.47 13.50
C ASN B 201 5.08 -9.64 12.38
N VAL B 202 6.40 -9.34 12.49
CA VAL B 202 7.03 -8.45 11.51
C VAL B 202 8.03 -9.22 10.66
N ASN B 203 7.98 -9.04 9.35
CA ASN B 203 8.97 -9.69 8.49
C ASN B 203 9.58 -8.61 7.61
N HIS B 204 10.90 -8.69 7.47
CA HIS B 204 11.63 -7.80 6.56
C HIS B 204 12.45 -8.75 5.67
N LYS B 205 11.90 -9.18 4.55
CA LYS B 205 12.62 -10.21 3.77
C LYS B 205 13.99 -9.79 3.23
N PRO B 206 14.22 -8.50 2.91
CA PRO B 206 15.55 -8.17 2.39
C PRO B 206 16.67 -8.43 3.35
N SER B 207 16.39 -8.31 4.65
CA SER B 207 17.45 -8.57 5.66
C SER B 207 17.20 -9.95 6.33
N ASN B 208 16.27 -10.75 5.81
CA ASN B 208 15.93 -12.09 6.40
C ASN B 208 15.61 -11.97 7.86
N THR B 209 14.81 -10.96 8.23
CA THR B 209 14.48 -10.71 9.64
C THR B 209 13.00 -11.09 9.84
N LYS B 210 12.74 -11.76 10.95
CA LYS B 210 11.40 -12.10 11.32
C LYS B 210 11.37 -11.92 12.84
N VAL B 211 10.46 -11.10 13.33
CA VAL B 211 10.38 -10.89 14.78
C VAL B 211 8.92 -10.92 15.17
N ASP B 212 8.63 -11.51 16.34
CA ASP B 212 7.24 -11.56 16.87
C ASP B 212 7.32 -10.86 18.18
N LYS B 213 6.71 -9.69 18.30
CA LYS B 213 6.79 -8.90 19.50
C LYS B 213 5.48 -8.85 20.26
N LYS B 214 5.51 -9.26 21.53
CA LYS B 214 4.34 -9.27 22.38
C LYS B 214 4.18 -7.82 22.94
N VAL B 215 2.99 -7.25 22.85
CA VAL B 215 2.76 -5.87 23.30
C VAL B 215 1.93 -5.97 24.62
N GLU B 216 2.55 -5.59 25.74
CA GLU B 216 1.88 -5.67 27.02
C GLU B 216 1.42 -4.30 27.51
N PRO B 217 0.34 -4.29 28.30
CA PRO B 217 -0.12 -2.97 28.78
C PRO B 217 0.94 -2.31 29.70
#